data_9OKG
#
_entry.id   9OKG
#
_cell.length_a   1.00
_cell.length_b   1.00
_cell.length_c   1.00
_cell.angle_alpha   90.00
_cell.angle_beta   90.00
_cell.angle_gamma   90.00
#
_symmetry.space_group_name_H-M   'P 1'
#
loop_
_entity.id
_entity.type
_entity.pdbx_description
1 polymer 'Synaptic vesicle glycoprotein 2A'
2 non-polymer (2S)-2-(2-oxidanylidenepyrrolidin-1-yl)butanamide
#
_entity_poly.entity_id   1
_entity_poly.type   'polypeptide(L)'
_entity_poly.pdbx_seq_one_letter_code
;AQRRKEREELAQQYEAILRECGHGRFQWTLYFVLGLALMADGVEVFVVGFVLPSAEKDMCLSDSNKGMLGLIVYLGMMVG
AFLWGGLADRLGRRQCLLISLSVNSVFAFFSSFVQGYGTFLFCRLLSGVGIGGSIPIVFSYFSEFLAQEKRGEHLSWLCM
FWMIGGVYAAAMAWAIIPHYGWSFQMGSAYQFHSWRVFVLVCAFPSVFAIGALTTQPESPRFFLENGKHDEAWMVLKQVH
DTNMRAKGHPERVFSVTHIKTIHQEDELIEIQSDTGTWYQRWGVRALSLGGQVWGNFLSCFGPEYRRITLMMMGVWFTMS
FSYYGLTVWFPDMIRHLQAVDYASRTKVFPGERVEHVTFNFTLENQIHRGGQYFNDKFIGLRLKSVSFEDSLFEECYFED
VTSSNTFFRNCTFINTVFYNTDLFEYKFVNSRLINSTFLHNKEGCPLDVTGTGEGAYMVYFVSFLGTLAVLPGNIVSALL
MDKIGRLRMLAGSSVMSCVSCFFLSFGNSESAMIALLCLFGGVSIASWNALDVLTVELYPSDKRTTAFGFLNALCKLAAV
LGISIFTSFVGITKAAPILFASAALALGSSLALKLPETRGQVLQ
;
_entity_poly.pdbx_strand_id   A
#
# COMPACT_ATOMS: atom_id res chain seq x y z
N ALA A 1 -4.03 -11.51 31.67
CA ALA A 1 -4.37 -12.94 31.45
C ALA A 1 -5.78 -13.10 30.90
N GLN A 2 -6.74 -12.47 31.60
CA GLN A 2 -8.15 -12.66 31.25
C GLN A 2 -8.47 -12.14 29.87
N ARG A 3 -8.02 -10.92 29.56
CA ARG A 3 -8.35 -10.31 28.28
C ARG A 3 -7.78 -11.12 27.11
N ARG A 4 -6.56 -11.64 27.27
CA ARG A 4 -5.96 -12.42 26.20
C ARG A 4 -6.74 -13.71 25.95
N LYS A 5 -7.21 -14.36 27.03
CA LYS A 5 -8.00 -15.57 26.88
C LYS A 5 -9.32 -15.27 26.18
N GLU A 6 -9.99 -14.18 26.58
CA GLU A 6 -11.24 -13.80 25.95
C GLU A 6 -11.04 -13.48 24.46
N ARG A 7 -9.94 -12.78 24.13
CA ARG A 7 -9.68 -12.46 22.74
C ARG A 7 -9.36 -13.70 21.92
N GLU A 8 -8.69 -14.69 22.51
CA GLU A 8 -8.45 -15.94 21.80
C GLU A 8 -9.76 -16.69 21.54
N GLU A 9 -10.64 -16.71 22.53
CA GLU A 9 -11.97 -17.30 22.33
C GLU A 9 -12.71 -16.59 21.20
N LEU A 10 -12.65 -15.26 21.19
CA LEU A 10 -13.30 -14.50 20.12
C LEU A 10 -12.70 -14.84 18.76
N ALA A 11 -11.38 -14.96 18.70
CA ALA A 11 -10.74 -15.30 17.43
C ALA A 11 -11.22 -16.65 16.90
N GLN A 12 -11.31 -17.64 17.80
CA GLN A 12 -11.77 -18.96 17.36
C GLN A 12 -13.22 -18.91 16.89
N GLN A 13 -14.09 -18.24 17.65
CA GLN A 13 -15.50 -18.18 17.25
C GLN A 13 -15.66 -17.38 15.96
N TYR A 14 -14.84 -16.35 15.76
CA TYR A 14 -14.89 -15.57 14.53
C TYR A 14 -14.47 -16.42 13.34
N GLU A 15 -13.43 -17.25 13.51
CA GLU A 15 -13.07 -18.19 12.44
C GLU A 15 -14.24 -19.12 12.13
N ALA A 16 -14.91 -19.63 13.16
CA ALA A 16 -16.03 -20.53 12.93
C ALA A 16 -17.18 -19.81 12.21
N ILE A 17 -17.43 -18.55 12.58
CA ILE A 17 -18.52 -17.81 11.95
C ILE A 17 -18.19 -17.50 10.50
N LEU A 18 -16.94 -17.14 10.21
CA LEU A 18 -16.57 -16.88 8.82
C LEU A 18 -16.62 -18.14 7.99
N ARG A 19 -16.37 -19.31 8.59
CA ARG A 19 -16.60 -20.56 7.87
C ARG A 19 -18.09 -20.81 7.67
N GLU A 20 -18.93 -20.37 8.61
CA GLU A 20 -20.38 -20.44 8.42
C GLU A 20 -20.80 -19.61 7.22
N CYS A 21 -20.32 -18.36 7.14
CA CYS A 21 -20.70 -17.49 6.03
C CYS A 21 -20.11 -17.96 4.71
N GLY A 22 -18.92 -18.53 4.72
CA GLY A 22 -18.26 -18.95 3.50
C GLY A 22 -17.68 -17.77 2.73
N HIS A 23 -16.95 -18.11 1.68
CA HIS A 23 -16.33 -17.13 0.79
C HIS A 23 -17.06 -17.13 -0.54
N GLY A 24 -17.38 -15.94 -1.05
CA GLY A 24 -18.13 -15.84 -2.28
C GLY A 24 -18.37 -14.43 -2.79
N ARG A 25 -19.62 -14.14 -3.14
CA ARG A 25 -19.95 -12.87 -3.80
C ARG A 25 -19.54 -11.67 -2.96
N PHE A 26 -19.81 -11.71 -1.66
CA PHE A 26 -19.54 -10.56 -0.79
C PHE A 26 -18.07 -10.21 -0.79
N GLN A 27 -17.21 -11.22 -0.60
CA GLN A 27 -15.79 -10.96 -0.47
C GLN A 27 -15.20 -10.45 -1.78
N TRP A 28 -15.68 -10.93 -2.93
CA TRP A 28 -15.15 -10.42 -4.19
C TRP A 28 -15.65 -9.02 -4.49
N THR A 29 -16.89 -8.70 -4.13
CA THR A 29 -17.37 -7.34 -4.27
C THR A 29 -16.51 -6.39 -3.45
N LEU A 30 -16.27 -6.75 -2.18
CA LEU A 30 -15.40 -5.93 -1.34
C LEU A 30 -13.98 -5.88 -1.89
N TYR A 31 -13.52 -6.99 -2.48
CA TYR A 31 -12.20 -7.04 -3.09
C TYR A 31 -12.05 -5.95 -4.14
N PHE A 32 -13.01 -5.86 -5.07
CA PHE A 32 -12.94 -4.80 -6.08
C PHE A 32 -13.07 -3.42 -5.45
N VAL A 33 -13.96 -3.28 -4.46
CA VAL A 33 -14.20 -1.97 -3.86
C VAL A 33 -12.91 -1.42 -3.26
N LEU A 34 -12.18 -2.23 -2.50
CA LEU A 34 -10.92 -1.80 -1.91
C LEU A 34 -9.78 -1.78 -2.93
N GLY A 35 -9.90 -2.59 -3.99
CA GLY A 35 -8.96 -2.49 -5.08
C GLY A 35 -8.95 -1.11 -5.71
N LEU A 36 -10.11 -0.45 -5.73
CA LEU A 36 -10.13 0.92 -6.22
C LEU A 36 -9.24 1.83 -5.39
N ALA A 37 -9.24 1.67 -4.05
CA ALA A 37 -8.37 2.49 -3.22
C ALA A 37 -6.90 2.13 -3.40
N LEU A 38 -6.59 0.84 -3.58
CA LEU A 38 -5.21 0.47 -3.86
C LEU A 38 -4.75 1.06 -5.20
N MET A 39 -5.67 1.10 -6.18
CA MET A 39 -5.36 1.73 -7.46
C MET A 39 -5.07 3.21 -7.28
N ALA A 40 -5.85 3.89 -6.44
CA ALA A 40 -5.58 5.30 -6.16
C ALA A 40 -4.20 5.48 -5.54
N ASP A 41 -3.82 4.57 -4.63
CA ASP A 41 -2.49 4.65 -4.03
C ASP A 41 -1.41 4.47 -5.08
N GLY A 42 -1.59 3.51 -5.99
CA GLY A 42 -0.61 3.32 -7.06
C GLY A 42 -0.47 4.53 -7.96
N VAL A 43 -1.61 5.16 -8.29
CA VAL A 43 -1.57 6.37 -9.12
C VAL A 43 -0.77 7.45 -8.41
N GLU A 44 -1.04 7.65 -7.12
CA GLU A 44 -0.30 8.65 -6.36
C GLU A 44 1.19 8.34 -6.35
N VAL A 45 1.55 7.07 -6.18
CA VAL A 45 2.96 6.70 -6.16
C VAL A 45 3.62 7.05 -7.48
N PHE A 46 2.98 6.71 -8.60
CA PHE A 46 3.58 7.01 -9.90
C PHE A 46 3.76 8.52 -10.08
N VAL A 47 2.71 9.28 -9.76
CA VAL A 47 2.79 10.73 -9.96
C VAL A 47 3.93 11.32 -9.14
N VAL A 48 4.03 10.91 -7.87
CA VAL A 48 5.06 11.47 -7.02
C VAL A 48 6.45 11.07 -7.51
N GLY A 49 6.62 9.81 -7.91
CA GLY A 49 7.93 9.32 -8.26
C GLY A 49 8.48 9.79 -9.59
N PHE A 50 7.63 9.94 -10.60
CA PHE A 50 8.10 10.16 -11.95
C PHE A 50 7.64 11.47 -12.58
N VAL A 51 6.50 12.02 -12.16
CA VAL A 51 5.96 13.23 -12.76
C VAL A 51 6.22 14.47 -11.90
N LEU A 52 6.10 14.35 -10.59
CA LEU A 52 6.26 15.47 -9.67
C LEU A 52 7.65 16.10 -9.77
N PRO A 53 8.65 15.42 -10.36
CA PRO A 53 9.88 16.14 -10.73
C PRO A 53 9.69 17.15 -11.84
N SER A 54 8.43 17.49 -12.18
CA SER A 54 8.13 18.37 -13.29
C SER A 54 8.88 17.92 -14.54
N ALA A 55 8.60 16.69 -14.97
CA ALA A 55 9.39 16.07 -16.02
C ALA A 55 9.38 16.87 -17.32
N GLU A 56 8.24 17.40 -17.75
CA GLU A 56 8.20 18.13 -19.01
C GLU A 56 7.50 19.48 -18.92
N LYS A 57 6.40 19.57 -18.17
CA LYS A 57 5.40 20.60 -18.42
C LYS A 57 5.42 21.75 -17.42
N ASP A 58 5.38 21.46 -16.12
CA ASP A 58 5.23 22.54 -15.14
C ASP A 58 6.39 23.52 -15.25
N MET A 59 7.59 23.09 -14.87
CA MET A 59 8.82 23.71 -15.35
C MET A 59 9.01 25.15 -14.88
N CYS A 60 8.12 25.66 -14.03
CA CYS A 60 8.24 27.02 -13.52
C CYS A 60 9.16 27.12 -12.31
N LEU A 61 9.99 26.11 -12.04
CA LEU A 61 10.69 26.01 -10.77
C LEU A 61 12.12 25.55 -10.97
N SER A 62 12.95 25.83 -9.98
CA SER A 62 14.35 25.41 -10.00
C SER A 62 14.48 23.91 -9.81
N ASP A 63 15.66 23.39 -10.16
CA ASP A 63 15.91 21.96 -10.03
C ASP A 63 15.81 21.50 -8.57
N SER A 64 16.33 22.30 -7.64
CA SER A 64 16.21 21.97 -6.23
C SER A 64 14.74 21.85 -5.83
N ASN A 65 13.91 22.75 -6.35
CA ASN A 65 12.47 22.67 -6.08
C ASN A 65 11.86 21.45 -6.75
N LYS A 66 12.38 21.04 -7.91
CA LYS A 66 11.91 19.81 -8.52
C LYS A 66 12.18 18.61 -7.60
N GLY A 67 13.38 18.55 -7.03
CA GLY A 67 13.69 17.47 -6.12
C GLY A 67 12.85 17.50 -4.86
N MET A 68 12.63 18.69 -4.31
CA MET A 68 11.79 18.83 -3.12
C MET A 68 10.37 18.37 -3.42
N LEU A 69 9.83 18.77 -4.57
CA LEU A 69 8.47 18.39 -4.95
C LEU A 69 8.37 16.89 -5.14
N GLY A 70 9.40 16.28 -5.70
CA GLY A 70 9.38 14.85 -5.95
C GLY A 70 9.59 14.01 -4.71
N LEU A 71 9.82 14.64 -3.55
CA LEU A 71 10.16 13.87 -2.36
C LEU A 71 9.26 14.14 -1.15
N ILE A 72 8.88 15.39 -0.90
CA ILE A 72 8.17 15.68 0.34
C ILE A 72 6.74 15.14 0.35
N VAL A 73 6.20 14.77 -0.81
CA VAL A 73 4.92 14.09 -0.81
C VAL A 73 5.07 12.72 -0.15
N TYR A 74 6.28 12.14 -0.18
CA TYR A 74 6.52 10.92 0.58
C TYR A 74 6.46 11.17 2.08
N LEU A 75 6.93 12.32 2.54
CA LEU A 75 6.74 12.67 3.95
C LEU A 75 5.27 12.82 4.28
N GLY A 76 4.51 13.43 3.36
CA GLY A 76 3.08 13.51 3.56
C GLY A 76 2.44 12.14 3.67
N MET A 77 2.83 11.22 2.79
CA MET A 77 2.30 9.85 2.85
C MET A 77 2.71 9.14 4.13
N MET A 78 3.92 9.39 4.63
CA MET A 78 4.35 8.82 5.89
C MET A 78 3.47 9.29 7.04
N VAL A 79 3.25 10.60 7.12
CA VAL A 79 2.40 11.15 8.17
C VAL A 79 0.99 10.58 8.04
N GLY A 80 0.47 10.53 6.82
CA GLY A 80 -0.87 9.98 6.62
C GLY A 80 -0.96 8.52 7.03
N ALA A 81 0.05 7.72 6.67
CA ALA A 81 0.03 6.32 7.04
C ALA A 81 -0.05 6.16 8.54
N PHE A 82 0.84 6.84 9.28
CA PHE A 82 0.80 6.70 10.73
C PHE A 82 -0.54 7.19 11.29
N LEU A 83 -0.97 8.38 10.86
CA LEU A 83 -2.18 8.97 11.40
C LEU A 83 -3.39 8.07 11.19
N TRP A 84 -3.67 7.72 9.94
CA TRP A 84 -4.89 6.98 9.63
C TRP A 84 -4.80 5.53 10.11
N GLY A 85 -3.62 4.90 10.07
CA GLY A 85 -3.50 3.57 10.64
C GLY A 85 -3.81 3.56 12.13
N GLY A 86 -3.27 4.53 12.86
CA GLY A 86 -3.58 4.63 14.28
C GLY A 86 -5.06 4.86 14.50
N LEU A 87 -5.65 5.80 13.77
CA LEU A 87 -7.05 6.16 14.00
C LEU A 87 -8.00 5.02 13.64
N ALA A 88 -7.66 4.21 12.64
CA ALA A 88 -8.56 3.14 12.20
C ALA A 88 -8.78 2.09 13.28
N ASP A 89 -7.87 1.98 14.24
CA ASP A 89 -8.07 1.04 15.35
C ASP A 89 -9.04 1.55 16.39
N ARG A 90 -9.36 2.84 16.37
CA ARG A 90 -10.29 3.43 17.33
C ARG A 90 -11.60 3.87 16.69
N LEU A 91 -11.57 4.31 15.43
CA LEU A 91 -12.77 4.83 14.76
C LEU A 91 -13.37 3.86 13.75
N GLY A 92 -12.63 2.86 13.31
CA GLY A 92 -13.14 1.89 12.36
C GLY A 92 -12.43 1.96 11.03
N ARG A 93 -12.44 0.83 10.31
CA ARG A 93 -11.73 0.77 9.03
C ARG A 93 -12.46 1.59 7.97
N ARG A 94 -13.76 1.36 7.79
CA ARG A 94 -14.52 2.05 6.76
C ARG A 94 -14.53 3.56 7.00
N GLN A 95 -14.73 3.99 8.25
CA GLN A 95 -14.77 5.40 8.56
C GLN A 95 -13.47 6.10 8.18
N CYS A 96 -12.34 5.56 8.65
CA CYS A 96 -11.05 6.21 8.39
C CYS A 96 -10.67 6.11 6.93
N LEU A 97 -11.00 5.01 6.26
CA LEU A 97 -10.71 4.91 4.83
C LEU A 97 -11.52 5.95 4.05
N LEU A 98 -12.78 6.15 4.43
CA LEU A 98 -13.58 7.18 3.77
C LEU A 98 -12.99 8.56 3.99
N ILE A 99 -12.58 8.88 5.21
CA ILE A 99 -12.07 10.25 5.50
C ILE A 99 -10.73 10.46 4.78
N SER A 100 -9.85 9.46 4.79
CA SER A 100 -8.52 9.56 4.14
C SER A 100 -8.69 9.72 2.63
N LEU A 101 -9.62 8.99 2.01
CA LEU A 101 -9.87 9.08 0.56
C LEU A 101 -10.53 10.44 0.23
N SER A 102 -11.43 10.92 1.09
CA SER A 102 -12.02 12.24 0.88
C SER A 102 -10.95 13.32 0.89
N VAL A 103 -10.03 13.25 1.85
CA VAL A 103 -8.94 14.23 1.90
C VAL A 103 -8.11 14.16 0.63
N ASN A 104 -7.73 12.94 0.23
CA ASN A 104 -6.90 12.78 -0.96
C ASN A 104 -7.61 13.34 -2.19
N SER A 105 -8.87 12.98 -2.39
CA SER A 105 -9.61 13.43 -3.56
C SER A 105 -9.77 14.94 -3.55
N VAL A 106 -10.11 15.54 -2.41
CA VAL A 106 -10.34 16.97 -2.35
C VAL A 106 -9.07 17.73 -2.70
N PHE A 107 -7.95 17.36 -2.09
CA PHE A 107 -6.75 18.15 -2.33
C PHE A 107 -6.11 17.85 -3.68
N ALA A 108 -6.26 16.63 -4.20
CA ALA A 108 -5.85 16.37 -5.57
C ALA A 108 -6.67 17.21 -6.55
N PHE A 109 -7.98 17.32 -6.31
CA PHE A 109 -8.82 18.18 -7.14
C PHE A 109 -8.34 19.63 -7.05
N PHE A 110 -8.05 20.11 -5.85
CA PHE A 110 -7.58 21.48 -5.69
C PHE A 110 -6.27 21.72 -6.43
N SER A 111 -5.34 20.75 -6.37
CA SER A 111 -4.03 20.95 -6.99
C SER A 111 -4.13 21.20 -8.48
N SER A 112 -5.24 20.81 -9.12
CA SER A 112 -5.39 21.03 -10.55
C SER A 112 -5.59 22.50 -10.88
N PHE A 113 -6.19 23.27 -9.97
CA PHE A 113 -6.58 24.65 -10.25
C PHE A 113 -5.61 25.68 -9.71
N VAL A 114 -4.66 25.29 -8.85
CA VAL A 114 -3.76 26.27 -8.25
C VAL A 114 -2.87 26.89 -9.31
N GLN A 115 -2.41 28.11 -9.04
CA GLN A 115 -1.65 28.91 -10.00
C GLN A 115 -0.19 29.08 -9.64
N GLY A 116 0.31 28.39 -8.62
CA GLY A 116 1.65 28.66 -8.13
C GLY A 116 2.31 27.42 -7.60
N TYR A 117 3.64 27.41 -7.62
CA TYR A 117 4.39 26.22 -7.21
C TYR A 117 4.14 25.90 -5.75
N GLY A 118 4.15 26.91 -4.87
CA GLY A 118 4.03 26.64 -3.45
C GLY A 118 2.68 26.05 -3.08
N THR A 119 1.60 26.60 -3.64
CA THR A 119 0.28 26.06 -3.35
C THR A 119 0.13 24.66 -3.92
N PHE A 120 0.70 24.40 -5.10
CA PHE A 120 0.67 23.05 -5.65
C PHE A 120 1.41 22.08 -4.75
N LEU A 121 2.59 22.47 -4.26
CA LEU A 121 3.35 21.64 -3.33
C LEU A 121 2.52 21.34 -2.09
N PHE A 122 1.87 22.35 -1.53
CA PHE A 122 1.05 22.16 -0.33
C PHE A 122 -0.11 21.21 -0.62
N CYS A 123 -0.78 21.39 -1.75
CA CYS A 123 -1.92 20.54 -2.10
C CYS A 123 -1.50 19.10 -2.29
N ARG A 124 -0.36 18.87 -2.96
CA ARG A 124 0.12 17.51 -3.15
C ARG A 124 0.56 16.89 -1.82
N LEU A 125 1.13 17.71 -0.93
CA LEU A 125 1.48 17.22 0.41
C LEU A 125 0.25 16.72 1.13
N LEU A 126 -0.84 17.51 1.11
CA LEU A 126 -2.05 17.08 1.79
C LEU A 126 -2.71 15.90 1.09
N SER A 127 -2.61 15.82 -0.25
CA SER A 127 -3.12 14.66 -0.96
C SER A 127 -2.36 13.40 -0.57
N GLY A 128 -1.03 13.52 -0.39
CA GLY A 128 -0.26 12.38 0.10
C GLY A 128 -0.66 11.99 1.50
N VAL A 129 -0.88 12.98 2.37
CA VAL A 129 -1.38 12.68 3.71
C VAL A 129 -2.67 11.89 3.63
N GLY A 130 -3.58 12.31 2.76
CA GLY A 130 -4.83 11.61 2.55
C GLY A 130 -4.66 10.18 2.07
N ILE A 131 -3.81 9.98 1.06
CA ILE A 131 -3.70 8.66 0.43
C ILE A 131 -2.85 7.70 1.25
N GLY A 132 -2.04 8.19 2.18
CA GLY A 132 -1.15 7.32 2.94
C GLY A 132 -1.85 6.20 3.68
N GLY A 133 -3.13 6.36 4.00
CA GLY A 133 -3.85 5.39 4.79
C GLY A 133 -4.33 4.17 4.04
N SER A 134 -4.27 4.19 2.70
CA SER A 134 -4.94 3.17 1.91
C SER A 134 -4.41 1.78 2.24
N ILE A 135 -3.12 1.54 2.07
CA ILE A 135 -2.56 0.19 2.26
C ILE A 135 -2.78 -0.46 3.64
N PRO A 136 -2.39 0.21 4.73
CA PRO A 136 -2.61 -0.45 6.03
C PRO A 136 -4.08 -0.68 6.34
N ILE A 137 -4.94 0.26 5.98
CA ILE A 137 -6.37 0.09 6.25
C ILE A 137 -6.98 -0.94 5.32
N VAL A 138 -6.65 -0.85 4.02
CA VAL A 138 -7.25 -1.76 3.04
C VAL A 138 -6.94 -3.20 3.39
N PHE A 139 -5.66 -3.49 3.68
CA PHE A 139 -5.29 -4.89 3.86
C PHE A 139 -5.94 -5.49 5.11
N SER A 140 -5.94 -4.76 6.22
CA SER A 140 -6.60 -5.25 7.43
C SER A 140 -8.10 -5.36 7.24
N TYR A 141 -8.70 -4.35 6.60
CA TYR A 141 -10.14 -4.35 6.36
C TYR A 141 -10.55 -5.59 5.57
N PHE A 142 -9.78 -5.93 4.54
CA PHE A 142 -10.12 -7.11 3.75
C PHE A 142 -9.82 -8.39 4.51
N SER A 143 -8.69 -8.43 5.23
CA SER A 143 -8.31 -9.63 5.96
C SER A 143 -9.36 -10.00 7.00
N GLU A 144 -10.06 -9.01 7.56
CA GLU A 144 -11.04 -9.28 8.59
C GLU A 144 -12.33 -9.90 8.07
N PHE A 145 -12.39 -10.26 6.78
CA PHE A 145 -13.50 -11.00 6.21
C PHE A 145 -13.08 -12.36 5.68
N LEU A 146 -11.84 -12.77 5.89
CA LEU A 146 -11.27 -13.96 5.27
C LEU A 146 -11.09 -15.06 6.30
N ALA A 147 -11.50 -16.28 5.93
CA ALA A 147 -11.17 -17.46 6.72
C ALA A 147 -9.72 -17.88 6.43
N GLN A 148 -9.18 -18.71 7.33
CA GLN A 148 -7.77 -19.07 7.25
C GLN A 148 -7.43 -19.92 6.03
N GLU A 149 -8.41 -20.56 5.40
CA GLU A 149 -8.11 -21.59 4.40
C GLU A 149 -7.25 -21.02 3.27
N LYS A 150 -7.67 -19.92 2.66
CA LYS A 150 -6.96 -19.32 1.54
C LYS A 150 -6.70 -17.84 1.77
N ARG A 151 -6.47 -17.45 3.02
CA ARG A 151 -6.31 -16.04 3.36
C ARG A 151 -5.12 -15.42 2.64
N GLY A 152 -4.01 -16.15 2.56
CA GLY A 152 -2.82 -15.60 1.91
C GLY A 152 -3.03 -15.37 0.43
N GLU A 153 -3.65 -16.34 -0.26
CA GLU A 153 -3.94 -16.15 -1.68
C GLU A 153 -4.92 -14.99 -1.88
N HIS A 154 -5.96 -14.92 -1.05
CA HIS A 154 -6.95 -13.88 -1.21
C HIS A 154 -6.35 -12.49 -0.99
N LEU A 155 -5.45 -12.37 -0.02
CA LEU A 155 -4.79 -11.09 0.19
C LEU A 155 -3.80 -10.80 -0.94
N SER A 156 -3.16 -11.83 -1.47
CA SER A 156 -2.17 -11.62 -2.53
C SER A 156 -2.80 -11.08 -3.81
N TRP A 157 -4.02 -11.52 -4.14
CA TRP A 157 -4.70 -11.00 -5.32
C TRP A 157 -4.99 -9.51 -5.20
N LEU A 158 -5.00 -8.98 -3.97
CA LEU A 158 -5.35 -7.58 -3.77
C LEU A 158 -4.31 -6.66 -4.39
N CYS A 159 -3.05 -7.09 -4.46
CA CYS A 159 -1.97 -6.24 -4.95
C CYS A 159 -2.08 -5.96 -6.44
N MET A 160 -2.95 -6.68 -7.17
CA MET A 160 -3.11 -6.42 -8.59
C MET A 160 -3.53 -4.98 -8.84
N PHE A 161 -4.36 -4.42 -7.97
CA PHE A 161 -4.91 -3.09 -8.20
C PHE A 161 -3.86 -1.99 -8.08
N TRP A 162 -2.86 -2.17 -7.23
CA TRP A 162 -1.77 -1.20 -7.15
C TRP A 162 -1.01 -1.15 -8.48
N MET A 163 -0.72 -2.32 -9.06
CA MET A 163 -0.11 -2.36 -10.38
C MET A 163 -1.02 -1.74 -11.43
N ILE A 164 -2.33 -2.00 -11.34
CA ILE A 164 -3.27 -1.42 -12.29
C ILE A 164 -3.26 0.10 -12.17
N GLY A 165 -3.16 0.62 -10.95
CA GLY A 165 -3.07 2.06 -10.76
C GLY A 165 -1.81 2.64 -11.37
N GLY A 166 -0.68 1.97 -11.19
CA GLY A 166 0.54 2.44 -11.84
C GLY A 166 0.43 2.45 -13.34
N VAL A 167 -0.16 1.38 -13.91
CA VAL A 167 -0.35 1.32 -15.36
C VAL A 167 -1.27 2.44 -15.82
N TYR A 168 -2.35 2.66 -15.06
CA TYR A 168 -3.30 3.73 -15.40
C TYR A 168 -2.60 5.08 -15.42
N ALA A 169 -1.80 5.36 -14.39
CA ALA A 169 -1.11 6.65 -14.33
C ALA A 169 -0.15 6.81 -15.50
N ALA A 170 0.61 5.75 -15.82
CA ALA A 170 1.55 5.86 -16.93
C ALA A 170 0.83 6.05 -18.26
N ALA A 171 -0.25 5.31 -18.47
CA ALA A 171 -0.99 5.43 -19.73
C ALA A 171 -1.63 6.81 -19.85
N MET A 172 -2.15 7.34 -18.74
CA MET A 172 -2.73 8.68 -18.78
C MET A 172 -1.67 9.74 -19.03
N ALA A 173 -0.47 9.56 -18.47
CA ALA A 173 0.61 10.48 -18.78
C ALA A 173 0.94 10.43 -20.26
N TRP A 174 0.98 9.22 -20.84
CA TRP A 174 1.23 9.10 -22.27
C TRP A 174 0.13 9.79 -23.09
N ALA A 175 -1.13 9.57 -22.71
CA ALA A 175 -2.24 10.01 -23.55
C ALA A 175 -2.47 11.51 -23.45
N ILE A 176 -2.42 12.05 -22.23
CA ILE A 176 -2.91 13.41 -21.98
C ILE A 176 -1.81 14.45 -22.15
N ILE A 177 -0.66 14.25 -21.52
CA ILE A 177 0.33 15.30 -21.38
C ILE A 177 0.86 15.75 -22.74
N PRO A 178 1.28 14.85 -23.62
CA PRO A 178 1.75 15.29 -24.94
C PRO A 178 0.70 16.06 -25.73
N HIS A 179 -0.58 15.79 -25.50
CA HIS A 179 -1.66 16.49 -26.19
C HIS A 179 -1.84 17.87 -25.57
N TYR A 180 -0.90 18.76 -25.90
CA TYR A 180 -0.97 20.13 -25.38
C TYR A 180 -2.18 20.88 -25.91
N GLY A 181 -2.80 20.40 -26.99
CA GLY A 181 -4.00 21.03 -27.50
C GLY A 181 -5.19 20.92 -26.57
N TRP A 182 -5.15 19.98 -25.63
CA TRP A 182 -6.23 19.81 -24.66
C TRP A 182 -6.11 20.85 -23.54
N SER A 183 -6.27 22.10 -23.94
CA SER A 183 -6.15 23.21 -23.01
C SER A 183 -7.07 24.34 -23.46
N PHE A 184 -7.37 25.22 -22.51
CA PHE A 184 -8.20 26.39 -22.77
C PHE A 184 -7.73 27.52 -21.87
N GLN A 185 -8.08 28.74 -22.25
CA GLN A 185 -7.71 29.91 -21.47
C GLN A 185 -8.11 29.75 -20.00
N GLN A 191 -3.89 29.92 -17.46
CA GLN A 191 -4.07 29.04 -18.61
C GLN A 191 -4.21 27.59 -18.15
N PHE A 192 -5.16 26.87 -18.76
CA PHE A 192 -5.49 25.51 -18.34
C PHE A 192 -4.74 24.51 -19.22
N HIS A 193 -3.45 24.41 -18.96
CA HIS A 193 -2.59 23.51 -19.72
C HIS A 193 -2.91 22.05 -19.41
N SER A 194 -2.41 21.16 -20.28
CA SER A 194 -2.80 19.75 -20.22
C SER A 194 -2.35 19.06 -18.93
N TRP A 195 -1.32 19.55 -18.26
CA TRP A 195 -0.92 18.93 -17.00
C TRP A 195 -2.04 19.05 -15.97
N ARG A 196 -2.84 20.11 -16.05
CA ARG A 196 -4.02 20.20 -15.19
C ARG A 196 -4.99 19.07 -15.50
N VAL A 197 -5.18 18.76 -16.79
CA VAL A 197 -6.07 17.66 -17.15
C VAL A 197 -5.53 16.35 -16.63
N PHE A 198 -4.22 16.13 -16.73
CA PHE A 198 -3.64 14.90 -16.20
C PHE A 198 -3.84 14.80 -14.70
N VAL A 199 -3.57 15.90 -13.98
CA VAL A 199 -3.75 15.89 -12.53
C VAL A 199 -5.20 15.61 -12.17
N LEU A 200 -6.14 16.18 -12.94
CA LEU A 200 -7.56 15.98 -12.65
C LEU A 200 -7.97 14.55 -12.90
N VAL A 201 -7.56 13.97 -14.03
CA VAL A 201 -7.96 12.61 -14.37
C VAL A 201 -7.36 11.59 -13.42
N CYS A 202 -6.20 11.88 -12.84
CA CYS A 202 -5.60 10.96 -11.88
C CYS A 202 -6.40 10.89 -10.58
N ALA A 203 -7.30 11.85 -10.33
CA ALA A 203 -8.11 11.87 -9.14
C ALA A 203 -9.36 11.00 -9.25
N PHE A 204 -9.71 10.54 -10.45
CA PHE A 204 -10.94 9.78 -10.62
C PHE A 204 -10.94 8.49 -9.80
N PRO A 205 -9.86 7.68 -9.77
CA PRO A 205 -9.93 6.43 -9.00
C PRO A 205 -10.32 6.61 -7.56
N SER A 206 -9.85 7.66 -6.89
CA SER A 206 -10.20 7.84 -5.47
C SER A 206 -11.66 8.28 -5.30
N VAL A 207 -12.19 9.06 -6.24
CA VAL A 207 -13.60 9.40 -6.20
C VAL A 207 -14.46 8.15 -6.39
N PHE A 208 -14.09 7.30 -7.34
CA PHE A 208 -14.81 6.03 -7.50
C PHE A 208 -14.67 5.16 -6.26
N ALA A 209 -13.49 5.19 -5.63
CA ALA A 209 -13.29 4.43 -4.40
C ALA A 209 -14.23 4.90 -3.31
N ILE A 210 -14.39 6.21 -3.16
CA ILE A 210 -15.32 6.74 -2.16
C ILE A 210 -16.73 6.27 -2.48
N GLY A 211 -17.15 6.44 -3.74
CA GLY A 211 -18.50 6.06 -4.11
C GLY A 211 -18.78 4.59 -3.83
N ALA A 212 -17.86 3.71 -4.24
CA ALA A 212 -18.05 2.28 -4.01
C ALA A 212 -18.00 1.95 -2.52
N LEU A 213 -17.08 2.57 -1.79
CA LEU A 213 -16.90 2.24 -0.39
C LEU A 213 -18.11 2.61 0.45
N THR A 214 -18.83 3.67 0.05
CA THR A 214 -20.03 4.03 0.81
C THR A 214 -21.02 2.88 0.88
N THR A 215 -20.98 1.96 -0.08
CA THR A 215 -21.95 0.86 -0.12
C THR A 215 -21.61 -0.28 0.82
N GLN A 216 -20.35 -0.38 1.29
CA GLN A 216 -19.93 -1.57 2.02
C GLN A 216 -20.05 -1.36 3.53
N PRO A 217 -20.23 -2.43 4.29
CA PRO A 217 -20.35 -2.30 5.74
C PRO A 217 -19.01 -2.17 6.44
N GLU A 218 -19.07 -1.71 7.68
CA GLU A 218 -17.88 -1.67 8.53
C GLU A 218 -17.47 -3.09 8.90
N SER A 219 -16.18 -3.25 9.22
CA SER A 219 -15.66 -4.55 9.63
C SER A 219 -16.36 -5.01 10.90
N PRO A 220 -16.96 -6.21 10.92
CA PRO A 220 -17.59 -6.69 12.16
C PRO A 220 -16.59 -7.05 13.24
N ARG A 221 -15.35 -7.41 12.87
CA ARG A 221 -14.34 -7.70 13.89
C ARG A 221 -14.05 -6.46 14.73
N PHE A 222 -14.02 -5.29 14.10
CA PHE A 222 -13.84 -4.04 14.84
C PHE A 222 -14.99 -3.83 15.82
N PHE A 223 -16.22 -4.09 15.39
CA PHE A 223 -17.37 -3.95 16.29
C PHE A 223 -17.26 -4.90 17.46
N LEU A 224 -16.89 -6.17 17.21
CA LEU A 224 -16.77 -7.13 18.31
C LEU A 224 -15.64 -6.75 19.25
N GLU A 225 -14.53 -6.24 18.70
CA GLU A 225 -13.41 -5.79 19.52
C GLU A 225 -13.72 -4.51 20.28
N ASN A 226 -14.78 -3.80 19.91
CA ASN A 226 -15.17 -2.57 20.59
C ASN A 226 -16.55 -2.68 21.23
N GLY A 227 -17.04 -3.90 21.47
CA GLY A 227 -18.22 -4.10 22.30
C GLY A 227 -19.56 -3.95 21.61
N LYS A 228 -19.59 -3.77 20.30
CA LYS A 228 -20.84 -3.55 19.58
C LYS A 228 -21.31 -4.86 18.93
N HIS A 229 -21.94 -5.69 19.76
CA HIS A 229 -22.31 -7.04 19.33
C HIS A 229 -23.34 -7.00 18.19
N ASP A 230 -24.40 -6.20 18.35
CA ASP A 230 -25.53 -6.30 17.42
C ASP A 230 -25.16 -5.84 16.01
N GLU A 231 -24.35 -4.78 15.90
CA GLU A 231 -23.93 -4.33 14.59
C GLU A 231 -23.08 -5.39 13.90
N ALA A 232 -22.17 -6.02 14.65
CA ALA A 232 -21.36 -7.09 14.06
C ALA A 232 -22.23 -8.26 13.64
N TRP A 233 -23.23 -8.61 14.44
CA TRP A 233 -24.12 -9.71 14.06
C TRP A 233 -24.88 -9.38 12.78
N MET A 234 -25.36 -8.13 12.67
CA MET A 234 -26.07 -7.74 11.45
C MET A 234 -25.14 -7.79 10.24
N VAL A 235 -23.90 -7.33 10.40
CA VAL A 235 -22.96 -7.33 9.27
C VAL A 235 -22.64 -8.77 8.86
N LEU A 236 -22.40 -9.64 9.83
CA LEU A 236 -22.09 -11.03 9.52
C LEU A 236 -23.27 -11.75 8.88
N LYS A 237 -24.49 -11.44 9.33
CA LYS A 237 -25.68 -12.00 8.68
C LYS A 237 -25.79 -11.48 7.26
N GLN A 238 -25.41 -10.22 7.02
CA GLN A 238 -25.38 -9.71 5.65
C GLN A 238 -24.41 -10.51 4.79
N VAL A 239 -23.22 -10.79 5.33
CA VAL A 239 -22.24 -11.57 4.57
C VAL A 239 -22.80 -12.95 4.24
N HIS A 240 -23.34 -13.62 5.25
CA HIS A 240 -23.88 -14.96 5.05
C HIS A 240 -24.99 -14.96 4.01
N ASP A 241 -25.95 -14.03 4.16
CA ASP A 241 -27.09 -13.99 3.25
C ASP A 241 -26.65 -13.68 1.83
N THR A 242 -25.70 -12.76 1.66
CA THR A 242 -25.23 -12.44 0.32
C THR A 242 -24.57 -13.65 -0.32
N ASN A 243 -23.68 -14.34 0.43
CA ASN A 243 -22.99 -15.48 -0.14
C ASN A 243 -23.94 -16.62 -0.48
N MET A 244 -24.91 -16.89 0.40
CA MET A 244 -25.85 -17.98 0.14
C MET A 244 -26.82 -17.64 -0.98
N ARG A 245 -27.26 -16.38 -1.05
CA ARG A 245 -28.12 -15.95 -2.16
C ARG A 245 -27.39 -16.10 -3.50
N ALA A 246 -26.12 -15.70 -3.54
CA ALA A 246 -25.36 -15.82 -4.78
C ALA A 246 -25.15 -17.28 -5.16
N LYS A 247 -25.03 -18.17 -4.18
CA LYS A 247 -24.77 -19.57 -4.43
C LYS A 247 -26.04 -20.39 -4.67
N GLY A 248 -27.21 -19.75 -4.71
CA GLY A 248 -28.44 -20.47 -4.97
C GLY A 248 -29.00 -21.21 -3.78
N HIS A 249 -28.66 -20.80 -2.57
CA HIS A 249 -29.18 -21.43 -1.36
C HIS A 249 -29.77 -20.36 -0.43
N PRO A 250 -30.69 -19.52 -0.92
CA PRO A 250 -31.24 -18.46 -0.07
C PRO A 250 -32.08 -18.96 1.09
N GLU A 251 -32.58 -20.20 1.03
CA GLU A 251 -33.38 -20.72 2.14
C GLU A 251 -32.53 -20.99 3.38
N ARG A 252 -31.20 -21.03 3.23
CA ARG A 252 -30.33 -21.28 4.37
C ARG A 252 -30.37 -20.12 5.35
N VAL A 253 -30.37 -20.46 6.64
CA VAL A 253 -30.55 -19.50 7.72
C VAL A 253 -29.23 -19.33 8.46
N PHE A 254 -28.89 -18.07 8.79
CA PHE A 254 -27.71 -17.76 9.58
C PHE A 254 -27.91 -18.28 11.00
N SER A 255 -27.15 -19.32 11.37
CA SER A 255 -27.38 -20.02 12.62
C SER A 255 -26.79 -19.32 13.84
N VAL A 256 -25.97 -18.29 13.66
CA VAL A 256 -25.28 -17.68 14.80
C VAL A 256 -26.30 -16.94 15.67
N THR A 257 -26.30 -17.25 16.96
CA THR A 257 -27.16 -16.58 17.93
C THR A 257 -26.43 -15.43 18.63
N HIS A 258 -25.33 -15.74 19.32
CA HIS A 258 -24.61 -14.75 20.12
C HIS A 258 -23.11 -14.92 19.88
N ILE A 259 -22.41 -13.80 19.76
CA ILE A 259 -20.98 -13.76 19.49
C ILE A 259 -20.28 -13.09 20.66
N LYS A 260 -19.18 -13.68 21.11
CA LYS A 260 -18.39 -13.06 22.18
C LYS A 260 -17.85 -11.72 21.70
N THR A 261 -17.95 -10.71 22.57
CA THR A 261 -17.50 -9.36 22.27
C THR A 261 -16.62 -8.88 23.41
N ILE A 262 -15.70 -7.97 23.10
CA ILE A 262 -14.70 -7.49 24.04
C ILE A 262 -15.07 -6.08 24.47
N HIS A 263 -15.01 -5.82 25.78
CA HIS A 263 -15.25 -4.49 26.33
C HIS A 263 -14.71 -4.40 27.75
N THR A 277 -17.99 24.90 25.22
CA THR A 277 -18.25 25.14 23.81
C THR A 277 -17.98 23.88 22.99
N TRP A 278 -18.42 23.90 21.73
CA TRP A 278 -18.24 22.73 20.87
C TRP A 278 -16.77 22.42 20.65
N TYR A 279 -15.94 23.44 20.43
CA TYR A 279 -14.54 23.18 20.14
C TYR A 279 -13.78 22.68 21.36
N GLN A 280 -14.20 23.06 22.57
CA GLN A 280 -13.55 22.50 23.76
C GLN A 280 -13.85 21.01 23.90
N ARG A 281 -15.10 20.61 23.65
CA ARG A 281 -15.44 19.19 23.63
C ARG A 281 -14.67 18.46 22.54
N TRP A 282 -14.50 19.11 21.39
CA TRP A 282 -13.68 18.54 20.32
C TRP A 282 -12.25 18.33 20.79
N GLY A 283 -11.71 19.30 21.53
CA GLY A 283 -10.35 19.15 22.05
C GLY A 283 -10.22 18.00 23.03
N VAL A 284 -11.21 17.85 23.92
CA VAL A 284 -11.19 16.72 24.86
C VAL A 284 -11.19 15.41 24.09
N ARG A 285 -12.08 15.30 23.09
CA ARG A 285 -12.15 14.10 22.28
C ARG A 285 -10.82 13.84 21.56
N ALA A 286 -10.22 14.90 21.02
CA ALA A 286 -8.97 14.75 20.28
C ALA A 286 -7.85 14.26 21.18
N LEU A 287 -7.76 14.81 22.39
CA LEU A 287 -6.72 14.36 23.32
C LEU A 287 -6.94 12.91 23.72
N SER A 288 -8.20 12.52 23.94
CA SER A 288 -8.49 11.13 24.29
C SER A 288 -8.07 10.20 23.15
N LEU A 289 -8.41 10.57 21.91
CA LEU A 289 -8.05 9.74 20.78
C LEU A 289 -6.54 9.64 20.61
N GLY A 290 -5.84 10.77 20.78
CA GLY A 290 -4.39 10.73 20.70
C GLY A 290 -3.80 9.83 21.75
N GLY A 291 -4.32 9.87 22.98
CA GLY A 291 -3.83 8.99 24.02
C GLY A 291 -4.05 7.52 23.69
N GLN A 292 -5.22 7.19 23.15
CA GLN A 292 -5.49 5.79 22.79
C GLN A 292 -4.56 5.32 21.67
N VAL A 293 -4.38 6.15 20.64
CA VAL A 293 -3.52 5.76 19.53
C VAL A 293 -2.08 5.59 20.00
N TRP A 294 -1.61 6.51 20.84
CA TRP A 294 -0.25 6.39 21.36
C TRP A 294 -0.10 5.15 22.23
N GLY A 295 -1.14 4.83 23.01
CA GLY A 295 -1.10 3.60 23.79
C GLY A 295 -0.97 2.36 22.93
N ASN A 296 -1.74 2.30 21.84
CA ASN A 296 -1.60 1.16 20.93
C ASN A 296 -0.21 1.10 20.32
N PHE A 297 0.32 2.25 19.88
CA PHE A 297 1.64 2.26 19.27
C PHE A 297 2.69 1.76 20.26
N LEU A 298 2.64 2.25 21.49
CA LEU A 298 3.61 1.80 22.49
C LEU A 298 3.41 0.33 22.83
N SER A 299 2.17 -0.15 22.87
CA SER A 299 1.92 -1.56 23.12
C SER A 299 2.46 -2.43 21.99
N CYS A 300 2.63 -1.86 20.80
CA CYS A 300 3.27 -2.62 19.73
C CYS A 300 4.72 -2.98 20.08
N PHE A 301 5.32 -2.30 21.05
CA PHE A 301 6.68 -2.59 21.49
C PHE A 301 6.72 -3.29 22.85
N GLY A 302 5.57 -3.80 23.33
CA GLY A 302 5.53 -4.55 24.56
C GLY A 302 6.35 -5.81 24.45
N PRO A 303 6.65 -6.45 25.58
CA PRO A 303 7.54 -7.61 25.54
C PRO A 303 7.04 -8.75 24.68
N GLU A 304 5.73 -8.87 24.48
CA GLU A 304 5.20 -9.97 23.67
C GLU A 304 5.30 -9.72 22.18
N TYR A 305 5.52 -8.48 21.75
CA TYR A 305 5.67 -8.15 20.34
C TYR A 305 6.99 -7.45 20.00
N ARG A 306 7.80 -7.10 21.00
CA ARG A 306 9.06 -6.41 20.79
C ARG A 306 9.87 -6.99 19.64
N ARG A 307 10.21 -8.28 19.75
CA ARG A 307 11.10 -8.91 18.78
C ARG A 307 10.48 -8.93 17.38
N ILE A 308 9.20 -9.30 17.30
CA ILE A 308 8.51 -9.29 16.02
C ILE A 308 8.51 -7.90 15.42
N THR A 309 8.22 -6.89 16.25
CA THR A 309 8.15 -5.53 15.75
C THR A 309 9.50 -5.08 15.19
N LEU A 310 10.59 -5.36 15.91
CA LEU A 310 11.90 -4.93 15.44
C LEU A 310 12.31 -5.65 14.16
N MET A 311 12.05 -6.96 14.09
CA MET A 311 12.42 -7.68 12.87
C MET A 311 11.59 -7.21 11.68
N MET A 312 10.30 -6.94 11.90
CA MET A 312 9.47 -6.39 10.84
C MET A 312 9.96 -5.01 10.41
N MET A 313 10.36 -4.18 11.37
CA MET A 313 10.92 -2.88 11.04
C MET A 313 12.11 -3.04 10.11
N GLY A 314 13.02 -3.95 10.46
CA GLY A 314 14.21 -4.13 9.63
C GLY A 314 13.88 -4.65 8.24
N VAL A 315 12.98 -5.63 8.16
CA VAL A 315 12.62 -6.19 6.87
C VAL A 315 11.97 -5.12 5.99
N TRP A 316 10.97 -4.42 6.54
CA TRP A 316 10.28 -3.40 5.78
C TRP A 316 11.24 -2.33 5.31
N PHE A 317 12.11 -1.84 6.20
CA PHE A 317 13.00 -0.76 5.84
C PHE A 317 13.94 -1.19 4.72
N THR A 318 14.60 -2.35 4.87
CA THR A 318 15.56 -2.75 3.86
C THR A 318 14.88 -3.02 2.52
N MET A 319 13.72 -3.69 2.53
CA MET A 319 13.05 -3.99 1.27
C MET A 319 12.59 -2.70 0.58
N SER A 320 12.02 -1.77 1.33
CA SER A 320 11.56 -0.52 0.73
C SER A 320 12.73 0.28 0.20
N PHE A 321 13.82 0.36 0.96
CA PHE A 321 15.00 1.08 0.52
C PHE A 321 15.48 0.54 -0.82
N SER A 322 15.72 -0.78 -0.89
CA SER A 322 16.22 -1.36 -2.13
C SER A 322 15.23 -1.13 -3.27
N TYR A 323 13.96 -1.47 -3.05
CA TYR A 323 12.98 -1.42 -4.12
C TYR A 323 12.87 -0.01 -4.69
N TYR A 324 12.65 0.98 -3.83
CA TYR A 324 12.39 2.33 -4.35
C TYR A 324 13.65 2.96 -4.91
N GLY A 325 14.80 2.81 -4.23
CA GLY A 325 16.02 3.34 -4.78
C GLY A 325 16.32 2.79 -6.16
N LEU A 326 16.21 1.47 -6.32
CA LEU A 326 16.54 0.86 -7.59
C LEU A 326 15.50 1.19 -8.65
N THR A 327 14.22 1.26 -8.25
CA THR A 327 13.17 1.54 -9.21
C THR A 327 13.27 2.95 -9.77
N VAL A 328 13.67 3.92 -8.95
CA VAL A 328 13.89 5.26 -9.47
C VAL A 328 15.23 5.35 -10.21
N TRP A 329 16.21 4.55 -9.78
CA TRP A 329 17.52 4.59 -10.43
C TRP A 329 17.48 4.04 -11.85
N PHE A 330 16.66 3.02 -12.10
CA PHE A 330 16.64 2.37 -13.41
C PHE A 330 16.38 3.35 -14.54
N PRO A 331 15.24 4.03 -14.58
CA PRO A 331 14.97 4.93 -15.70
C PRO A 331 15.99 6.05 -15.84
N ASP A 332 16.53 6.55 -14.72
CA ASP A 332 17.59 7.55 -14.81
C ASP A 332 18.84 6.97 -15.48
N MET A 333 19.18 5.72 -15.15
CA MET A 333 20.32 5.08 -15.79
C MET A 333 20.07 4.89 -17.28
N ILE A 334 18.85 4.50 -17.64
CA ILE A 334 18.52 4.35 -19.06
C ILE A 334 18.62 5.68 -19.78
N ARG A 335 18.12 6.75 -19.16
CA ARG A 335 18.23 8.08 -19.77
C ARG A 335 19.69 8.49 -19.95
N HIS A 336 20.54 8.21 -18.95
CA HIS A 336 21.95 8.55 -19.08
C HIS A 336 22.61 7.75 -20.18
N LEU A 337 22.26 6.47 -20.30
CA LEU A 337 22.77 5.65 -21.39
C LEU A 337 22.37 6.24 -22.74
N GLN A 338 21.11 6.64 -22.87
CA GLN A 338 20.65 7.24 -24.12
C GLN A 338 21.39 8.54 -24.40
N ALA A 339 21.64 9.34 -23.37
CA ALA A 339 22.34 10.60 -23.56
C ALA A 339 23.78 10.36 -24.02
N VAL A 340 24.46 9.39 -23.42
CA VAL A 340 25.84 9.11 -23.81
C VAL A 340 25.86 8.56 -25.24
N ASP A 341 24.89 7.73 -25.60
CA ASP A 341 24.81 7.21 -26.95
C ASP A 341 24.61 8.35 -27.96
N TYR A 342 23.68 9.26 -27.65
CA TYR A 342 23.41 10.38 -28.54
C TYR A 342 24.64 11.26 -28.70
N ALA A 343 25.35 11.52 -27.59
CA ALA A 343 26.54 12.37 -27.65
C ALA A 343 27.70 11.68 -28.37
N SER A 344 27.62 10.38 -28.60
CA SER A 344 28.70 9.66 -29.25
C SER A 344 28.96 10.23 -30.64
N ALA A 456 9.17 12.63 -19.26
CA ALA A 456 9.13 12.49 -20.71
C ALA A 456 8.60 11.12 -21.11
N TYR A 457 8.39 10.94 -22.42
CA TYR A 457 7.77 9.70 -22.90
C TYR A 457 8.57 8.48 -22.50
N MET A 458 9.89 8.53 -22.66
CA MET A 458 10.70 7.34 -22.41
C MET A 458 10.58 6.89 -20.96
N VAL A 459 10.57 7.85 -20.02
CA VAL A 459 10.39 7.49 -18.62
C VAL A 459 9.05 6.83 -18.41
N TYR A 460 7.99 7.39 -19.01
CA TYR A 460 6.65 6.84 -18.83
C TYR A 460 6.56 5.43 -19.38
N PHE A 461 7.11 5.22 -20.60
CA PHE A 461 7.03 3.91 -21.21
C PHE A 461 7.85 2.88 -20.44
N VAL A 462 9.03 3.28 -19.94
CA VAL A 462 9.85 2.36 -19.17
C VAL A 462 9.15 1.98 -17.87
N SER A 463 8.55 2.96 -17.19
CA SER A 463 7.81 2.65 -15.97
C SER A 463 6.61 1.77 -16.28
N PHE A 464 5.96 1.99 -17.42
CA PHE A 464 4.84 1.15 -17.84
C PHE A 464 5.28 -0.29 -18.01
N LEU A 465 6.40 -0.51 -18.71
CA LEU A 465 6.90 -1.87 -18.87
C LEU A 465 7.29 -2.48 -17.53
N GLY A 466 7.94 -1.71 -16.66
CA GLY A 466 8.30 -2.24 -15.35
C GLY A 466 7.10 -2.60 -14.51
N THR A 467 6.00 -1.86 -14.66
CA THR A 467 4.78 -2.18 -13.93
C THR A 467 4.09 -3.41 -14.52
N LEU A 468 4.14 -3.56 -15.84
CA LEU A 468 3.59 -4.75 -16.46
C LEU A 468 4.36 -6.01 -16.05
N ALA A 469 5.69 -5.88 -15.88
CA ALA A 469 6.50 -7.02 -15.53
C ALA A 469 6.14 -7.61 -14.17
N VAL A 470 5.43 -6.85 -13.33
CA VAL A 470 5.04 -7.33 -12.02
C VAL A 470 3.93 -8.38 -12.09
N LEU A 471 3.14 -8.37 -13.17
CA LEU A 471 1.95 -9.23 -13.23
C LEU A 471 2.26 -10.71 -13.06
N PRO A 472 3.22 -11.30 -13.79
CA PRO A 472 3.52 -12.72 -13.57
C PRO A 472 3.91 -13.03 -12.14
N GLY A 473 4.68 -12.15 -11.50
CA GLY A 473 5.06 -12.37 -10.11
C GLY A 473 3.87 -12.33 -9.19
N ASN A 474 2.94 -11.40 -9.44
CA ASN A 474 1.71 -11.37 -8.66
C ASN A 474 0.94 -12.68 -8.81
N ILE A 475 0.78 -13.16 -10.04
CA ILE A 475 0.02 -14.38 -10.27
C ILE A 475 0.68 -15.55 -9.54
N VAL A 476 1.98 -15.73 -9.73
CA VAL A 476 2.66 -16.88 -9.16
C VAL A 476 2.64 -16.82 -7.65
N SER A 477 2.94 -15.65 -7.07
CA SER A 477 2.99 -15.55 -5.61
C SER A 477 1.61 -15.71 -5.00
N ALA A 478 0.56 -15.20 -5.66
CA ALA A 478 -0.78 -15.39 -5.15
C ALA A 478 -1.15 -16.86 -5.16
N LEU A 479 -0.82 -17.56 -6.25
CA LEU A 479 -1.17 -18.97 -6.33
C LEU A 479 -0.40 -19.82 -5.32
N LEU A 480 0.85 -19.44 -5.01
CA LEU A 480 1.71 -20.27 -4.17
C LEU A 480 1.80 -19.81 -2.72
N MET A 481 1.16 -18.68 -2.36
CA MET A 481 1.35 -18.12 -1.03
C MET A 481 1.01 -19.12 0.07
N ASP A 482 -0.17 -19.72 0.01
CA ASP A 482 -0.58 -20.66 1.05
C ASP A 482 0.06 -22.03 0.88
N LYS A 483 0.53 -22.34 -0.33
CA LYS A 483 1.11 -23.66 -0.58
C LYS A 483 2.53 -23.76 -0.05
N ILE A 484 3.38 -22.79 -0.35
CA ILE A 484 4.76 -22.84 0.14
C ILE A 484 4.96 -22.02 1.41
N GLY A 485 4.04 -21.12 1.74
CA GLY A 485 4.13 -20.35 2.96
C GLY A 485 4.72 -18.96 2.74
N ARG A 486 4.49 -18.10 3.74
CA ARG A 486 4.93 -16.72 3.63
C ARG A 486 6.43 -16.59 3.79
N LEU A 487 7.01 -17.35 4.73
CA LEU A 487 8.43 -17.18 5.03
C LEU A 487 9.30 -17.62 3.86
N ARG A 488 9.00 -18.78 3.26
CA ARG A 488 9.80 -19.25 2.14
C ARG A 488 9.61 -18.35 0.92
N MET A 489 8.39 -17.89 0.68
CA MET A 489 8.16 -16.95 -0.40
C MET A 489 9.02 -15.69 -0.21
N LEU A 490 9.00 -15.14 1.00
CA LEU A 490 9.73 -13.90 1.27
C LEU A 490 11.22 -14.11 1.11
N ALA A 491 11.76 -15.18 1.68
CA ALA A 491 13.20 -15.41 1.62
C ALA A 491 13.65 -15.69 0.20
N GLY A 492 12.94 -16.55 -0.52
CA GLY A 492 13.33 -16.86 -1.89
C GLY A 492 13.25 -15.66 -2.80
N SER A 493 12.20 -14.85 -2.66
CA SER A 493 12.09 -13.65 -3.48
C SER A 493 13.18 -12.65 -3.14
N SER A 494 13.52 -12.51 -1.86
CA SER A 494 14.61 -11.61 -1.48
C SER A 494 15.93 -12.08 -2.07
N VAL A 495 16.20 -13.39 -2.01
CA VAL A 495 17.45 -13.90 -2.57
C VAL A 495 17.49 -13.69 -4.08
N MET A 496 16.35 -13.94 -4.76
CA MET A 496 16.32 -13.73 -6.19
C MET A 496 16.56 -12.26 -6.54
N SER A 497 15.99 -11.34 -5.78
CA SER A 497 16.25 -9.92 -6.02
C SER A 497 17.72 -9.60 -5.78
N CYS A 498 18.31 -10.17 -4.72
CA CYS A 498 19.70 -9.89 -4.42
C CYS A 498 20.60 -10.34 -5.56
N VAL A 499 20.37 -11.56 -6.08
CA VAL A 499 21.23 -12.06 -7.15
C VAL A 499 20.96 -11.33 -8.45
N SER A 500 19.71 -10.97 -8.73
CA SER A 500 19.41 -10.21 -9.94
C SER A 500 19.98 -8.80 -9.89
N CYS A 501 20.25 -8.29 -8.69
CA CYS A 501 20.97 -7.02 -8.59
C CYS A 501 22.37 -7.14 -9.17
N PHE A 502 23.03 -8.27 -8.92
CA PHE A 502 24.39 -8.46 -9.42
C PHE A 502 24.45 -8.49 -10.94
N PHE A 503 23.34 -8.83 -11.61
CA PHE A 503 23.33 -8.85 -13.07
C PHE A 503 23.48 -7.46 -13.66
N LEU A 504 23.14 -6.41 -12.91
CA LEU A 504 23.17 -5.05 -13.43
C LEU A 504 24.58 -4.54 -13.71
N SER A 505 25.62 -5.23 -13.22
CA SER A 505 26.98 -4.87 -13.62
C SER A 505 27.18 -5.05 -15.11
N PHE A 506 26.37 -5.91 -15.74
CA PHE A 506 26.49 -6.24 -17.16
C PHE A 506 25.39 -5.62 -18.01
N GLY A 507 24.78 -4.53 -17.54
CA GLY A 507 23.75 -3.85 -18.29
C GLY A 507 24.33 -2.98 -19.38
N ASN A 508 24.80 -3.63 -20.45
CA ASN A 508 25.61 -2.96 -21.47
C ASN A 508 24.80 -2.08 -22.41
N SER A 509 23.46 -2.13 -22.35
CA SER A 509 22.66 -1.37 -23.30
C SER A 509 21.28 -1.10 -22.71
N GLU A 510 20.56 -0.17 -23.35
CA GLU A 510 19.24 0.20 -22.87
C GLU A 510 18.28 -0.98 -22.88
N SER A 511 18.35 -1.83 -23.90
CA SER A 511 17.50 -3.01 -23.95
C SER A 511 17.79 -3.93 -22.77
N ALA A 512 19.08 -4.15 -22.48
CA ALA A 512 19.44 -5.00 -21.35
C ALA A 512 18.98 -4.39 -20.03
N MET A 513 19.11 -3.08 -19.88
CA MET A 513 18.67 -2.43 -18.65
C MET A 513 17.16 -2.54 -18.48
N ILE A 514 16.39 -2.39 -19.57
CA ILE A 514 14.95 -2.53 -19.48
C ILE A 514 14.58 -3.97 -19.11
N ALA A 515 15.26 -4.95 -19.72
CA ALA A 515 14.98 -6.34 -19.40
C ALA A 515 15.27 -6.64 -17.94
N LEU A 516 16.38 -6.10 -17.42
CA LEU A 516 16.73 -6.36 -16.03
C LEU A 516 15.81 -5.62 -15.07
N LEU A 517 15.30 -4.46 -15.46
CA LEU A 517 14.26 -3.80 -14.66
C LEU A 517 13.03 -4.69 -14.55
N CYS A 518 12.60 -5.26 -15.69
CA CYS A 518 11.46 -6.16 -15.66
C CYS A 518 11.73 -7.37 -14.77
N LEU A 519 12.93 -7.94 -14.89
CA LEU A 519 13.29 -9.10 -14.07
C LEU A 519 13.24 -8.75 -12.58
N PHE A 520 13.84 -7.62 -12.22
CA PHE A 520 13.88 -7.24 -10.81
C PHE A 520 12.48 -7.06 -10.25
N GLY A 521 11.63 -6.34 -10.97
CA GLY A 521 10.26 -6.15 -10.50
C GLY A 521 9.51 -7.46 -10.37
N GLY A 522 9.62 -8.32 -11.39
CA GLY A 522 8.88 -9.56 -11.36
C GLY A 522 9.29 -10.47 -10.22
N VAL A 523 10.59 -10.53 -9.91
CA VAL A 523 11.02 -11.38 -8.80
C VAL A 523 10.73 -10.72 -7.46
N SER A 524 10.78 -9.38 -7.39
CA SER A 524 10.71 -8.71 -6.12
C SER A 524 9.27 -8.56 -5.61
N ILE A 525 8.28 -8.49 -6.50
CA ILE A 525 6.93 -8.20 -6.02
C ILE A 525 6.41 -9.30 -5.09
N ALA A 526 6.92 -10.53 -5.23
CA ALA A 526 6.48 -11.61 -4.36
C ALA A 526 6.89 -11.36 -2.91
N SER A 527 8.04 -10.72 -2.69
CA SER A 527 8.44 -10.37 -1.34
C SER A 527 7.44 -9.42 -0.72
N TRP A 528 6.98 -8.43 -1.50
CA TRP A 528 6.00 -7.47 -0.99
C TRP A 528 4.68 -8.16 -0.66
N ASN A 529 4.22 -9.07 -1.53
CA ASN A 529 2.98 -9.78 -1.24
C ASN A 529 3.10 -10.59 0.06
N ALA A 530 4.20 -11.35 0.18
CA ALA A 530 4.41 -12.15 1.38
C ALA A 530 4.50 -11.28 2.61
N LEU A 531 5.15 -10.12 2.49
CA LEU A 531 5.29 -9.22 3.64
C LEU A 531 3.94 -8.64 4.04
N ASP A 532 3.08 -8.32 3.07
CA ASP A 532 1.75 -7.84 3.40
C ASP A 532 0.97 -8.89 4.18
N VAL A 533 0.97 -10.13 3.68
CA VAL A 533 0.24 -11.18 4.38
C VAL A 533 0.81 -11.38 5.78
N LEU A 534 2.14 -11.39 5.89
CA LEU A 534 2.79 -11.62 7.18
C LEU A 534 2.46 -10.50 8.17
N THR A 535 2.47 -9.25 7.70
CA THR A 535 2.14 -8.13 8.57
C THR A 535 0.69 -8.21 9.04
N VAL A 536 -0.21 -8.61 8.13
CA VAL A 536 -1.61 -8.79 8.54
C VAL A 536 -1.70 -9.84 9.64
N GLU A 537 -1.02 -10.97 9.44
CA GLU A 537 -1.23 -12.12 10.32
C GLU A 537 -0.46 -12.04 11.63
N LEU A 538 0.58 -11.23 11.71
CA LEU A 538 1.43 -11.21 12.91
C LEU A 538 0.88 -10.35 14.04
N TYR A 539 -0.11 -9.50 13.79
CA TYR A 539 -0.55 -8.56 14.81
C TYR A 539 -2.04 -8.75 15.12
N PRO A 540 -2.46 -8.44 16.34
CA PRO A 540 -3.88 -8.61 16.71
C PRO A 540 -4.77 -7.56 16.08
N SER A 541 -6.07 -7.84 16.11
CA SER A 541 -7.04 -6.98 15.43
C SER A 541 -7.09 -5.59 16.04
N ASP A 542 -6.86 -5.47 17.36
CA ASP A 542 -6.92 -4.18 18.00
C ASP A 542 -5.65 -3.37 17.81
N LYS A 543 -4.60 -3.97 17.25
CA LYS A 543 -3.38 -3.25 16.90
C LYS A 543 -3.05 -3.32 15.42
N ARG A 544 -3.83 -4.04 14.61
CA ARG A 544 -3.39 -4.38 13.27
C ARG A 544 -3.12 -3.14 12.43
N THR A 545 -4.08 -2.21 12.38
CA THR A 545 -3.89 -1.04 11.53
C THR A 545 -2.82 -0.11 12.09
N THR A 546 -2.67 -0.04 13.41
CA THR A 546 -1.61 0.79 13.99
C THR A 546 -0.23 0.27 13.59
N ALA A 547 0.01 -1.03 13.78
CA ALA A 547 1.29 -1.61 13.40
C ALA A 547 1.53 -1.48 11.90
N PHE A 548 0.50 -1.74 11.09
CA PHE A 548 0.67 -1.65 9.65
C PHE A 548 0.99 -0.22 9.23
N GLY A 549 0.31 0.75 9.83
CA GLY A 549 0.59 2.14 9.50
C GLY A 549 1.99 2.56 9.90
N PHE A 550 2.44 2.13 11.08
CA PHE A 550 3.79 2.46 11.51
C PHE A 550 4.83 1.86 10.55
N LEU A 551 4.63 0.59 10.17
CA LEU A 551 5.58 -0.05 9.26
C LEU A 551 5.51 0.56 7.87
N ASN A 552 4.35 1.01 7.43
CA ASN A 552 4.25 1.64 6.12
C ASN A 552 4.85 3.05 6.13
N ALA A 553 4.73 3.77 7.24
CA ALA A 553 5.42 5.05 7.36
C ALA A 553 6.93 4.84 7.34
N LEU A 554 7.41 3.78 7.99
CA LEU A 554 8.82 3.43 7.90
C LEU A 554 9.19 3.08 6.46
N CYS A 555 8.30 2.40 5.74
CA CYS A 555 8.52 2.09 4.34
C CYS A 555 8.67 3.36 3.52
N LYS A 556 7.82 4.35 3.77
CA LYS A 556 7.90 5.60 3.01
C LYS A 556 9.15 6.40 3.37
N LEU A 557 9.57 6.35 4.64
CA LEU A 557 10.83 6.97 5.01
C LEU A 557 12.00 6.31 4.29
N ALA A 558 11.99 4.98 4.23
CA ALA A 558 13.01 4.26 3.49
C ALA A 558 12.96 4.60 2.00
N ALA A 559 11.75 4.82 1.47
CA ALA A 559 11.62 5.22 0.07
C ALA A 559 12.28 6.57 -0.16
N VAL A 560 12.02 7.52 0.73
CA VAL A 560 12.66 8.83 0.62
C VAL A 560 14.18 8.68 0.63
N LEU A 561 14.70 7.93 1.60
CA LEU A 561 16.14 7.79 1.74
C LEU A 561 16.74 7.10 0.52
N GLY A 562 16.11 6.03 0.05
CA GLY A 562 16.62 5.32 -1.10
C GLY A 562 16.63 6.16 -2.35
N ILE A 563 15.54 6.89 -2.61
CA ILE A 563 15.50 7.75 -3.78
C ILE A 563 16.61 8.79 -3.70
N SER A 564 16.74 9.44 -2.53
CA SER A 564 17.73 10.51 -2.39
C SER A 564 19.14 9.98 -2.61
N ILE A 565 19.46 8.84 -2.02
CA ILE A 565 20.82 8.31 -2.12
C ILE A 565 21.10 7.82 -3.54
N PHE A 566 20.16 7.07 -4.13
CA PHE A 566 20.39 6.50 -5.44
C PHE A 566 20.44 7.55 -6.53
N THR A 567 19.72 8.66 -6.37
CA THR A 567 19.81 9.74 -7.35
C THR A 567 21.23 10.28 -7.46
N SER A 568 21.98 10.28 -6.36
CA SER A 568 23.33 10.84 -6.37
C SER A 568 24.28 10.03 -7.25
N PHE A 569 24.06 8.72 -7.36
CA PHE A 569 25.00 7.86 -8.08
C PHE A 569 24.80 7.89 -9.59
N VAL A 570 23.68 8.43 -10.08
CA VAL A 570 23.36 8.32 -11.50
C VAL A 570 24.50 8.91 -12.33
N GLY A 571 24.97 8.14 -13.29
CA GLY A 571 26.01 8.57 -14.21
C GLY A 571 27.42 8.57 -13.65
N ILE A 572 27.58 8.55 -12.33
CA ILE A 572 28.90 8.55 -11.73
C ILE A 572 29.44 7.13 -11.57
N THR A 573 28.60 6.19 -11.16
CA THR A 573 29.01 4.80 -11.03
C THR A 573 27.76 3.93 -11.05
N LYS A 574 27.92 2.69 -11.53
CA LYS A 574 26.88 1.67 -11.41
C LYS A 574 27.29 0.57 -10.45
N ALA A 575 28.27 0.84 -9.58
CA ALA A 575 28.68 -0.10 -8.54
C ALA A 575 27.97 0.21 -7.22
N ALA A 576 28.04 1.47 -6.78
CA ALA A 576 27.47 1.86 -5.49
C ALA A 576 26.00 1.49 -5.34
N PRO A 577 25.10 1.84 -6.27
CA PRO A 577 23.69 1.48 -6.08
C PRO A 577 23.47 -0.02 -6.05
N ILE A 578 24.20 -0.78 -6.87
CA ILE A 578 24.03 -2.22 -6.90
C ILE A 578 24.44 -2.82 -5.56
N LEU A 579 25.60 -2.40 -5.05
CA LEU A 579 26.07 -2.92 -3.77
C LEU A 579 25.13 -2.53 -2.65
N PHE A 580 24.63 -1.30 -2.65
CA PHE A 580 23.71 -0.88 -1.60
C PHE A 580 22.44 -1.74 -1.62
N ALA A 581 21.83 -1.88 -2.79
CA ALA A 581 20.58 -2.65 -2.87
C ALA A 581 20.82 -4.11 -2.52
N SER A 582 21.90 -4.69 -3.01
CA SER A 582 22.17 -6.10 -2.74
C SER A 582 22.40 -6.34 -1.25
N ALA A 583 23.18 -5.48 -0.60
CA ALA A 583 23.42 -5.64 0.84
C ALA A 583 22.13 -5.47 1.62
N ALA A 584 21.31 -4.47 1.26
CA ALA A 584 20.06 -4.27 1.96
C ALA A 584 19.13 -5.48 1.79
N LEU A 585 19.08 -6.04 0.59
CA LEU A 585 18.22 -7.20 0.34
C LEU A 585 18.72 -8.42 1.10
N ALA A 586 20.03 -8.62 1.16
CA ALA A 586 20.57 -9.75 1.92
C ALA A 586 20.26 -9.61 3.40
N LEU A 587 20.40 -8.40 3.94
CA LEU A 587 20.03 -8.16 5.34
C LEU A 587 18.54 -8.43 5.56
N GLY A 588 17.70 -7.96 4.64
CA GLY A 588 16.28 -8.22 4.75
C GLY A 588 15.95 -9.69 4.75
N SER A 589 16.61 -10.46 3.89
CA SER A 589 16.39 -11.90 3.85
C SER A 589 16.82 -12.56 5.15
N SER A 590 17.99 -12.16 5.67
CA SER A 590 18.47 -12.75 6.92
C SER A 590 17.53 -12.43 8.07
N LEU A 591 16.88 -11.27 8.04
CA LEU A 591 15.91 -10.93 9.07
C LEU A 591 14.60 -11.69 8.85
N ALA A 592 14.19 -11.84 7.60
CA ALA A 592 12.92 -12.53 7.29
C ALA A 592 12.98 -13.99 7.72
N LEU A 593 14.14 -14.62 7.55
CA LEU A 593 14.25 -16.04 7.91
C LEU A 593 13.95 -16.31 9.37
N LYS A 594 13.85 -15.28 10.22
CA LYS A 594 13.69 -15.47 11.66
C LYS A 594 12.26 -15.23 12.14
N LEU A 595 11.37 -14.74 11.30
CA LEU A 595 10.00 -14.49 11.71
C LEU A 595 9.23 -15.81 11.84
N PRO A 596 8.23 -15.86 12.71
CA PRO A 596 7.46 -17.10 12.88
C PRO A 596 6.48 -17.36 11.73
N GLU A 597 6.14 -18.63 11.56
CA GLU A 597 5.17 -19.04 10.54
C GLU A 597 3.76 -18.84 11.07
N THR A 598 2.89 -18.29 10.22
CA THR A 598 1.53 -17.93 10.61
C THR A 598 0.47 -18.77 9.92
N ARG A 599 0.86 -19.78 9.14
CA ARG A 599 -0.13 -20.62 8.47
C ARG A 599 -0.84 -21.53 9.47
N GLY A 600 -2.08 -21.86 9.17
CA GLY A 600 -2.85 -22.75 10.00
C GLY A 600 -3.30 -22.18 11.32
N GLN A 601 -3.37 -20.85 11.44
CA GLN A 601 -3.74 -20.18 12.68
C GLN A 601 -4.88 -19.21 12.41
N VAL A 602 -5.80 -19.11 13.37
CA VAL A 602 -6.87 -18.13 13.26
C VAL A 602 -6.26 -16.72 13.31
N LEU A 603 -6.98 -15.77 12.72
CA LEU A 603 -6.51 -14.39 12.67
C LEU A 603 -6.59 -13.78 14.06
N GLN A 604 -5.45 -13.69 14.73
CA GLN A 604 -5.40 -13.14 16.08
C GLN A 604 -5.84 -11.69 16.09
#